data_2GV3
#
_entry.id   2GV3
#
_entity_poly.entity_id   1
_entity_poly.type   'polyribonucleotide'
_entity_poly.pdbx_seq_one_letter_code
;GGCCAGACUCCCGAAUCUGGCC
;
_entity_poly.pdbx_strand_id   A
#
loop_
_chem_comp.id
_chem_comp.type
_chem_comp.name
_chem_comp.formula
A RNA linking ADENOSINE-5'-MONOPHOSPHATE 'C10 H14 N5 O7 P'
C RNA linking CYTIDINE-5'-MONOPHOSPHATE 'C9 H14 N3 O8 P'
G RNA linking GUANOSINE-5'-MONOPHOSPHATE 'C10 H14 N5 O8 P'
U RNA linking URIDINE-5'-MONOPHOSPHATE 'C9 H13 N2 O9 P'
#